data_3JUP
#
_entry.id   3JUP
#
_cell.length_a   64.720
_cell.length_b   64.720
_cell.length_c   160.760
_cell.angle_alpha   90.000
_cell.angle_beta   90.000
_cell.angle_gamma   120.000
#
_symmetry.space_group_name_H-M   'P 32 2 1'
#
loop_
_entity.id
_entity.type
_entity.pdbx_description
1 polymer 'Phenazine biosynthesis protein A/B'
2 non-polymer 5-bromo-2-[(3S)-piperidin-3-ylamino]benzoate
3 water water
#
_entity_poly.entity_id   1
_entity_poly.type   'polypeptide(L)'
_entity_poly.pdbx_seq_one_letter_code
;MGSSHHHHHHSSGLVPRGSHMSDVESLENTSENRAQVAARQHNRKIVEQYMHTRGEARLKRHLLFTEDGVGGLWTTDSGQ
PIAIRGREKLGEHAVWSLQCFPDWVWTDIQIFETQDPNWFWVECRGEGAIVFPGYPRGQYRNHFLHSFRFENGLIKEQRE
FMNPCEQFRSLGIEVPEVRRDGLPS
;
_entity_poly.pdbx_strand_id   A,B
#
loop_
_chem_comp.id
_chem_comp.type
_chem_comp.name
_chem_comp.formula
AKD non-polymer 5-bromo-2-[(3S)-piperidin-3-ylamino]benzoate 'C12 H14 Br N2 O2 -1'
#
# COMPACT_ATOMS: atom_id res chain seq x y z
N ASN A 29 20.32 25.06 8.46
CA ASN A 29 20.67 25.52 9.85
C ASN A 29 19.64 26.44 10.53
N THR A 30 18.48 26.65 9.89
CA THR A 30 17.37 27.39 10.50
C THR A 30 16.66 26.51 11.55
N SER A 31 16.09 27.12 12.60
CA SER A 31 15.42 26.34 13.67
C SER A 31 14.05 25.79 13.24
N GLU A 32 13.52 26.30 12.11
CA GLU A 32 12.35 25.70 11.44
C GLU A 32 12.69 24.32 10.85
N ASN A 33 13.98 24.09 10.60
CA ASN A 33 14.49 22.81 10.09
C ASN A 33 14.98 21.90 11.21
N ARG A 34 15.46 22.49 12.29
CA ARG A 34 15.69 21.75 13.53
C ARG A 34 14.32 21.39 14.17
N ALA A 35 13.33 22.26 13.93
CA ALA A 35 11.93 22.04 14.33
C ALA A 35 11.35 20.74 13.74
N GLN A 36 11.68 20.49 12.46
CA GLN A 36 11.15 19.40 11.71
C GLN A 36 11.97 18.14 11.87
N VAL A 37 13.30 18.27 11.80
CA VAL A 37 14.20 17.16 12.05
C VAL A 37 13.80 16.57 13.40
N ALA A 38 13.58 17.41 14.44
CA ALA A 38 13.14 16.91 15.76
C ALA A 38 11.81 16.15 15.71
N ALA A 39 10.78 16.78 15.10
CA ALA A 39 9.48 16.12 14.89
C ALA A 39 9.63 14.75 14.20
N ARG A 40 10.49 14.68 13.18
CA ARG A 40 10.62 13.51 12.29
C ARG A 40 11.28 12.41 13.11
N GLN A 41 12.32 12.78 13.86
CA GLN A 41 13.03 11.78 14.65
C GLN A 41 12.16 11.18 15.74
N HIS A 42 11.37 12.05 16.37
CA HIS A 42 10.46 11.65 17.45
C HIS A 42 9.38 10.77 16.84
N ASN A 43 8.75 11.24 15.79
CA ASN A 43 7.70 10.46 15.09
C ASN A 43 8.18 9.07 14.61
N ARG A 44 9.38 9.02 14.09
CA ARG A 44 9.97 7.76 13.66
C ARG A 44 10.10 6.77 14.78
N LYS A 45 10.46 7.29 15.98
CA LYS A 45 10.53 6.42 17.08
C LYS A 45 9.21 5.88 17.46
N ILE A 46 8.16 6.69 17.32
CA ILE A 46 6.76 6.23 17.59
C ILE A 46 6.32 5.09 16.58
N VAL A 47 6.67 5.26 15.32
CA VAL A 47 6.46 4.22 14.24
C VAL A 47 7.19 2.93 14.57
N GLU A 48 8.46 3.05 14.97
CA GLU A 48 9.18 1.85 15.41
C GLU A 48 8.49 1.21 16.58
N GLN A 49 8.07 1.98 17.60
CA GLN A 49 7.46 1.35 18.76
CA GLN A 49 7.44 1.39 18.78
C GLN A 49 6.19 0.65 18.35
N TYR A 50 5.40 1.31 17.51
CA TYR A 50 4.12 0.74 17.02
C TYR A 50 4.40 -0.58 16.35
N MET A 51 5.31 -0.56 15.37
CA MET A 51 5.60 -1.76 14.58
C MET A 51 6.22 -2.90 15.37
N HIS A 52 6.85 -2.61 16.52
CA HIS A 52 7.41 -3.67 17.38
C HIS A 52 6.53 -4.08 18.54
N THR A 53 5.34 -3.49 18.67
CA THR A 53 4.42 -3.84 19.73
C THR A 53 3.82 -5.20 19.54
N ARG A 54 4.00 -6.07 20.51
CA ARG A 54 3.52 -7.44 20.50
C ARG A 54 2.87 -7.85 21.80
N GLY A 55 2.10 -8.94 21.77
CA GLY A 55 1.55 -9.58 22.96
C GLY A 55 0.69 -8.64 23.79
N GLU A 56 0.75 -8.78 25.13
CA GLU A 56 -0.10 -7.91 25.98
C GLU A 56 0.13 -6.43 25.76
N ALA A 57 1.35 -6.04 25.37
CA ALA A 57 1.63 -4.65 25.08
C ALA A 57 0.66 -4.05 23.97
N ARG A 58 0.02 -4.91 23.17
CA ARG A 58 -0.98 -4.41 22.20
C ARG A 58 -2.20 -3.75 22.84
N LEU A 59 -2.58 -4.19 24.04
CA LEU A 59 -3.71 -3.56 24.77
C LEU A 59 -3.49 -2.06 25.12
N LYS A 60 -2.23 -1.60 25.04
CA LYS A 60 -1.82 -0.21 25.32
C LYS A 60 -1.26 0.58 24.14
N ARG A 61 -1.29 0.02 22.93
CA ARG A 61 -0.71 0.70 21.77
C ARG A 61 -1.62 1.92 21.41
N HIS A 62 -2.91 1.83 21.76
CA HIS A 62 -3.81 2.97 21.52
C HIS A 62 -3.35 4.25 22.19
N LEU A 63 -2.57 4.10 23.27
CA LEU A 63 -1.99 5.27 23.94
C LEU A 63 -0.99 6.03 23.04
N LEU A 64 -0.53 5.46 21.92
CA LEU A 64 0.34 6.19 20.95
C LEU A 64 -0.41 7.22 20.06
N PHE A 65 -1.75 7.25 20.16
CA PHE A 65 -2.59 8.07 19.28
C PHE A 65 -3.05 9.32 19.98
N THR A 66 -3.36 10.35 19.17
CA THR A 66 -4.05 11.52 19.68
C THR A 66 -5.43 11.10 20.15
N GLU A 67 -6.06 11.92 21.01
CA GLU A 67 -7.36 11.59 21.55
C GLU A 67 -8.37 11.28 20.47
N ASP A 68 -8.36 12.07 19.41
CA ASP A 68 -9.26 11.89 18.23
C ASP A 68 -8.67 11.02 17.10
N GLY A 69 -7.52 10.40 17.36
CA GLY A 69 -6.85 9.63 16.35
C GLY A 69 -7.62 8.45 15.80
N VAL A 70 -7.31 8.11 14.54
CA VAL A 70 -8.01 7.08 13.80
C VAL A 70 -7.04 6.00 13.39
N GLY A 71 -7.47 4.76 13.51
CA GLY A 71 -6.71 3.64 12.99
C GLY A 71 -7.66 2.74 12.21
N GLY A 72 -7.10 1.73 11.60
CA GLY A 72 -7.90 0.66 11.03
C GLY A 72 -7.43 0.16 9.66
N LEU A 73 -8.35 -0.52 8.98
CA LEU A 73 -8.07 -1.21 7.76
C LEU A 73 -8.75 -0.50 6.58
N TRP A 74 -7.94 -0.02 5.65
CA TRP A 74 -8.38 0.64 4.48
C TRP A 74 -8.63 -0.26 3.28
N THR A 75 -8.27 -1.56 3.36
CA THR A 75 -8.47 -2.48 2.22
C THR A 75 -9.35 -3.62 2.70
N THR A 76 -10.62 -3.55 2.39
CA THR A 76 -11.59 -4.55 2.88
C THR A 76 -12.36 -5.15 1.70
N ASP A 77 -13.04 -6.25 1.96
CA ASP A 77 -13.88 -6.80 0.89
C ASP A 77 -15.05 -5.92 0.51
N SER A 78 -15.49 -5.08 1.42
CA SER A 78 -16.68 -4.27 1.22
C SER A 78 -16.35 -3.09 0.35
N GLY A 79 -15.07 -2.75 0.29
CA GLY A 79 -14.59 -1.62 -0.48
C GLY A 79 -14.52 -0.34 0.34
N GLN A 80 -15.09 -0.36 1.54
CA GLN A 80 -15.01 0.75 2.47
C GLN A 80 -14.03 0.43 3.65
N PRO A 81 -13.26 1.43 4.09
CA PRO A 81 -12.36 1.33 5.26
C PRO A 81 -13.11 0.92 6.51
N ILE A 82 -12.51 0.15 7.40
CA ILE A 82 -13.06 0.00 8.76
CA ILE A 82 -13.06 0.01 8.73
C ILE A 82 -12.20 0.94 9.57
N ALA A 83 -12.74 2.10 9.91
CA ALA A 83 -11.98 3.12 10.60
C ALA A 83 -12.35 3.03 12.08
N ILE A 84 -11.37 3.07 12.98
CA ILE A 84 -11.63 2.99 14.44
C ILE A 84 -11.30 4.37 14.97
N ARG A 85 -12.30 5.11 15.43
CA ARG A 85 -12.14 6.54 15.61
C ARG A 85 -12.04 6.91 17.08
N GLY A 86 -10.85 7.30 17.50
CA GLY A 86 -10.60 7.79 18.84
C GLY A 86 -9.74 6.83 19.64
N ARG A 87 -8.98 7.40 20.57
CA ARG A 87 -8.11 6.63 21.45
C ARG A 87 -8.87 5.57 22.23
N GLU A 88 -10.03 5.94 22.77
CA GLU A 88 -10.77 5.01 23.58
C GLU A 88 -11.25 3.82 22.79
N LYS A 89 -11.72 4.06 21.57
CA LYS A 89 -12.26 2.97 20.76
C LYS A 89 -11.12 2.11 20.30
N LEU A 90 -9.98 2.73 20.02
CA LEU A 90 -8.76 1.96 19.62
C LEU A 90 -8.36 1.02 20.73
N GLY A 91 -8.48 1.48 21.97
CA GLY A 91 -8.18 0.64 23.14
C GLY A 91 -9.16 -0.52 23.26
N GLU A 92 -10.45 -0.23 23.09
CA GLU A 92 -11.48 -1.28 23.07
C GLU A 92 -11.27 -2.26 21.88
N HIS A 93 -10.80 -1.74 20.76
CA HIS A 93 -10.68 -2.58 19.56
C HIS A 93 -9.54 -3.57 19.72
N ALA A 94 -8.51 -3.18 20.45
CA ALA A 94 -7.37 -4.04 20.73
C ALA A 94 -7.72 -5.34 21.48
N VAL A 95 -8.77 -5.29 22.31
CA VAL A 95 -9.23 -6.48 22.98
C VAL A 95 -9.73 -7.52 21.98
N TRP A 96 -10.46 -7.06 20.95
CA TRP A 96 -10.93 -7.90 19.85
C TRP A 96 -9.72 -8.42 19.07
N SER A 97 -8.78 -7.53 18.75
CA SER A 97 -7.63 -7.90 17.90
CA SER A 97 -7.71 -7.97 17.85
C SER A 97 -6.74 -8.95 18.55
N LEU A 98 -6.60 -8.84 19.89
CA LEU A 98 -5.76 -9.72 20.60
C LEU A 98 -6.41 -11.08 20.72
N GLN A 99 -7.75 -11.14 20.80
CA GLN A 99 -8.45 -12.43 20.76
C GLN A 99 -8.32 -13.09 19.36
N CYS A 100 -8.62 -12.33 18.29
CA CYS A 100 -8.63 -12.88 16.91
C CYS A 100 -7.30 -13.16 16.30
N PHE A 101 -6.28 -12.42 16.76
CA PHE A 101 -4.93 -12.58 16.30
C PHE A 101 -3.98 -12.69 17.52
N PRO A 102 -3.97 -13.85 18.20
CA PRO A 102 -3.36 -13.85 19.54
C PRO A 102 -1.84 -13.68 19.59
N ASP A 103 -1.16 -14.00 18.51
CA ASP A 103 0.32 -14.03 18.45
C ASP A 103 0.91 -13.21 17.29
N TRP A 104 0.15 -12.28 16.79
CA TRP A 104 0.50 -11.44 15.63
C TRP A 104 1.90 -10.82 15.80
N VAL A 105 2.73 -10.92 14.76
CA VAL A 105 4.01 -10.24 14.66
C VAL A 105 4.22 -9.59 13.30
N TRP A 106 4.65 -8.33 13.30
CA TRP A 106 5.13 -7.70 12.08
C TRP A 106 6.63 -8.00 11.90
N THR A 107 7.03 -8.32 10.66
CA THR A 107 8.39 -8.62 10.29
C THR A 107 8.79 -7.89 9.01
N ASP A 108 10.09 -7.94 8.75
CA ASP A 108 10.68 -7.35 7.55
CA ASP A 108 10.67 -7.35 7.55
C ASP A 108 10.26 -5.87 7.43
N ILE A 109 10.36 -5.12 8.53
CA ILE A 109 9.82 -3.77 8.58
C ILE A 109 10.78 -2.75 7.91
N GLN A 110 10.28 -1.97 6.98
CA GLN A 110 11.03 -0.92 6.36
CA GLN A 110 11.07 -0.88 6.42
C GLN A 110 10.27 0.37 6.60
N ILE A 111 10.87 1.34 7.27
CA ILE A 111 10.17 2.58 7.57
C ILE A 111 10.65 3.59 6.60
N PHE A 112 9.68 4.28 6.00
CA PHE A 112 9.99 5.36 5.04
C PHE A 112 9.58 6.69 5.62
N GLU A 113 10.58 7.53 5.84
CA GLU A 113 10.36 8.97 6.09
C GLU A 113 9.90 9.61 4.80
N THR A 114 9.20 10.74 4.88
CA THR A 114 8.81 11.50 3.69
C THR A 114 9.22 12.97 3.83
N GLN A 115 8.91 13.77 2.82
CA GLN A 115 9.16 15.19 2.91
C GLN A 115 8.35 15.88 4.05
N ASP A 116 7.27 15.25 4.48
CA ASP A 116 6.40 15.71 5.56
C ASP A 116 6.90 15.00 6.81
N PRO A 117 7.37 15.80 7.82
CA PRO A 117 7.92 15.17 9.01
C PRO A 117 6.85 14.49 9.81
N ASN A 118 5.58 14.82 9.59
CA ASN A 118 4.47 14.10 10.21
C ASN A 118 3.78 13.04 9.32
N TRP A 119 4.46 12.56 8.29
CA TRP A 119 3.94 11.51 7.41
C TRP A 119 4.98 10.44 7.14
N PHE A 120 4.66 9.21 7.52
CA PHE A 120 5.52 8.06 7.30
C PHE A 120 4.73 6.95 6.61
N TRP A 121 5.45 6.16 5.85
CA TRP A 121 5.00 4.89 5.29
C TRP A 121 5.85 3.74 5.75
N VAL A 122 5.20 2.59 6.00
CA VAL A 122 5.91 1.44 6.36
C VAL A 122 5.54 0.32 5.34
N GLU A 123 6.55 -0.41 4.88
CA GLU A 123 6.31 -1.65 4.16
C GLU A 123 6.79 -2.81 5.05
N CYS A 124 5.97 -3.84 5.23
CA CYS A 124 6.36 -4.92 6.08
C CYS A 124 5.54 -6.18 5.73
N ARG A 125 5.90 -7.28 6.39
CA ARG A 125 5.11 -8.49 6.39
C ARG A 125 4.49 -8.65 7.76
N GLY A 126 3.56 -9.57 7.86
CA GLY A 126 2.95 -9.88 9.12
C GLY A 126 2.39 -11.29 9.07
N GLU A 127 2.39 -11.99 10.20
CA GLU A 127 1.70 -13.27 10.27
C GLU A 127 1.33 -13.65 11.66
N GLY A 128 0.41 -14.61 11.74
CA GLY A 128 0.00 -15.19 13.01
C GLY A 128 -1.24 -15.98 12.84
N ALA A 129 -1.66 -16.66 13.92
CA ALA A 129 -2.94 -17.31 13.93
C ALA A 129 -4.10 -16.35 13.70
N ILE A 130 -5.10 -16.81 12.94
CA ILE A 130 -6.34 -16.09 12.78
C ILE A 130 -7.48 -16.93 13.35
N VAL A 131 -8.21 -16.35 14.29
CA VAL A 131 -9.18 -17.06 15.12
C VAL A 131 -10.47 -16.22 15.11
N PHE A 132 -11.29 -16.40 14.06
CA PHE A 132 -12.51 -15.65 13.89
C PHE A 132 -13.67 -16.57 14.27
N PRO A 133 -14.67 -16.04 14.97
CA PRO A 133 -15.95 -16.80 15.03
C PRO A 133 -16.46 -17.32 13.68
N GLY A 134 -16.78 -18.62 13.62
CA GLY A 134 -17.44 -19.16 12.45
C GLY A 134 -16.54 -19.52 11.29
N TYR A 135 -15.22 -19.41 11.47
CA TYR A 135 -14.23 -19.88 10.50
C TYR A 135 -13.22 -20.79 11.17
N PRO A 136 -12.78 -21.85 10.45
CA PRO A 136 -11.72 -22.62 11.03
C PRO A 136 -10.52 -21.75 11.34
N ARG A 137 -9.91 -22.05 12.48
CA ARG A 137 -8.69 -21.41 12.92
C ARG A 137 -7.70 -21.59 11.80
N GLY A 138 -6.97 -20.53 11.48
CA GLY A 138 -6.03 -20.57 10.38
C GLY A 138 -4.67 -19.88 10.69
N GLN A 139 -3.84 -19.83 9.68
CA GLN A 139 -2.62 -19.03 9.75
C GLN A 139 -2.66 -17.98 8.69
N TYR A 140 -2.72 -16.70 9.10
CA TYR A 140 -2.85 -15.59 8.22
C TYR A 140 -1.43 -14.97 8.02
N ARG A 141 -1.05 -14.74 6.79
CA ARG A 141 0.15 -14.01 6.45
C ARG A 141 -0.20 -13.09 5.28
N ASN A 142 0.38 -11.91 5.31
CA ASN A 142 0.17 -10.95 4.26
C ASN A 142 1.41 -9.97 4.13
N HIS A 143 1.34 -9.20 3.05
CA HIS A 143 2.20 -8.06 2.82
CA HIS A 143 2.21 -8.06 2.74
C HIS A 143 1.41 -6.83 3.12
N PHE A 144 2.00 -5.88 3.84
CA PHE A 144 1.27 -4.74 4.32
C PHE A 144 2.00 -3.44 3.98
N LEU A 145 1.20 -2.41 3.70
CA LEU A 145 1.69 -1.03 3.72
C LEU A 145 0.91 -0.26 4.81
N HIS A 146 1.59 0.46 5.67
CA HIS A 146 0.94 1.27 6.65
C HIS A 146 1.25 2.74 6.39
N SER A 147 0.25 3.58 6.54
CA SER A 147 0.43 5.00 6.48
C SER A 147 0.28 5.53 7.93
N PHE A 148 1.18 6.36 8.36
CA PHE A 148 1.08 6.97 9.71
C PHE A 148 1.24 8.49 9.56
N ARG A 149 0.21 9.21 9.99
CA ARG A 149 0.25 10.64 10.02
C ARG A 149 0.16 11.04 11.50
N PHE A 150 0.92 12.07 11.81
CA PHE A 150 1.15 12.51 13.18
C PHE A 150 0.61 13.90 13.44
N GLU A 151 0.39 14.19 14.73
CA GLU A 151 -0.02 15.52 15.17
C GLU A 151 0.48 15.65 16.59
N ASN A 152 1.37 16.64 16.76
CA ASN A 152 1.95 16.92 18.08
C ASN A 152 2.59 15.65 18.64
N GLY A 153 3.29 14.91 17.79
CA GLY A 153 4.03 13.70 18.21
C GLY A 153 3.20 12.47 18.62
N LEU A 154 1.88 12.47 18.36
CA LEU A 154 1.07 11.28 18.56
C LEU A 154 0.49 10.88 17.18
N ILE A 155 -0.02 9.66 17.06
CA ILE A 155 -0.55 9.19 15.76
C ILE A 155 -1.95 9.78 15.57
N LYS A 156 -2.08 10.63 14.57
CA LYS A 156 -3.37 11.19 14.19
C LYS A 156 -4.18 10.21 13.27
N GLU A 157 -3.52 9.54 12.32
CA GLU A 157 -4.21 8.57 11.46
C GLU A 157 -3.25 7.45 11.04
N GLN A 158 -3.58 6.22 11.41
CA GLN A 158 -2.87 5.02 10.91
C GLN A 158 -3.81 4.30 9.96
N ARG A 159 -3.31 3.88 8.81
CA ARG A 159 -4.13 3.12 7.84
C ARG A 159 -3.31 1.94 7.35
N GLU A 160 -3.91 0.76 7.36
CA GLU A 160 -3.34 -0.45 6.84
C GLU A 160 -3.89 -0.81 5.47
N PHE A 161 -2.99 -1.11 4.54
CA PHE A 161 -3.37 -1.55 3.18
C PHE A 161 -2.77 -2.90 2.95
N MET A 162 -3.60 -3.88 2.65
CA MET A 162 -3.09 -5.21 2.37
C MET A 162 -3.92 -5.83 1.21
N ASN A 163 -3.66 -7.09 0.93
CA ASN A 163 -4.38 -7.88 -0.12
C ASN A 163 -5.46 -8.70 0.57
N PRO A 164 -6.72 -8.27 0.53
CA PRO A 164 -7.73 -9.08 1.26
C PRO A 164 -7.85 -10.56 0.88
N CYS A 165 -7.42 -10.93 -0.35
CA CYS A 165 -7.41 -12.28 -0.82
C CYS A 165 -6.64 -13.22 0.06
N GLU A 166 -5.54 -12.75 0.67
CA GLU A 166 -4.75 -13.58 1.56
C GLU A 166 -5.43 -13.82 2.85
N GLN A 167 -6.24 -12.88 3.27
CA GLN A 167 -7.00 -13.16 4.48
C GLN A 167 -8.15 -14.11 4.17
N PHE A 168 -8.85 -13.98 3.04
CA PHE A 168 -9.85 -15.01 2.67
C PHE A 168 -9.23 -16.43 2.75
N ARG A 169 -8.08 -16.60 2.15
CA ARG A 169 -7.40 -17.88 2.16
C ARG A 169 -7.20 -18.41 3.57
N SER A 170 -6.76 -17.54 4.44
CA SER A 170 -6.45 -17.97 5.77
C SER A 170 -7.69 -18.47 6.50
N LEU A 171 -8.87 -18.05 6.04
CA LEU A 171 -10.17 -18.41 6.64
C LEU A 171 -10.87 -19.54 5.91
N GLY A 172 -10.24 -20.04 4.85
CA GLY A 172 -10.85 -21.17 4.11
C GLY A 172 -11.82 -20.67 3.07
N ILE A 173 -11.84 -19.36 2.82
CA ILE A 173 -12.89 -18.74 1.98
C ILE A 173 -12.41 -18.80 0.54
N GLU A 174 -13.27 -19.28 -0.38
CA GLU A 174 -12.86 -19.39 -1.77
C GLU A 174 -12.52 -18.01 -2.38
N VAL A 175 -11.42 -17.95 -3.13
CA VAL A 175 -11.00 -16.72 -3.87
C VAL A 175 -11.20 -16.92 -5.36
N PRO A 176 -12.03 -16.08 -5.97
CA PRO A 176 -12.18 -16.19 -7.40
C PRO A 176 -10.87 -15.82 -8.13
N GLU A 177 -10.73 -16.31 -9.35
CA GLU A 177 -9.51 -16.16 -10.13
C GLU A 177 -9.79 -15.28 -11.33
N VAL A 178 -9.20 -14.11 -11.33
CA VAL A 178 -9.33 -13.19 -12.50
C VAL A 178 -8.51 -13.79 -13.67
N ARG A 179 -9.15 -13.94 -14.81
CA ARG A 179 -8.47 -14.36 -16.05
C ARG A 179 -8.04 -13.14 -16.86
N ARG A 180 -6.73 -13.08 -17.14
CA ARG A 180 -6.16 -12.00 -17.96
C ARG A 180 -5.76 -12.57 -19.32
N ASP A 181 -6.78 -12.75 -20.18
CA ASP A 181 -6.60 -13.32 -21.54
C ASP A 181 -5.71 -12.37 -22.37
N GLY A 182 -4.80 -12.95 -23.14
CA GLY A 182 -3.83 -12.13 -23.91
C GLY A 182 -2.66 -11.52 -23.12
N LEU A 183 -2.62 -11.68 -21.79
CA LEU A 183 -1.53 -11.09 -20.99
C LEU A 183 -0.18 -11.70 -21.41
N PRO A 184 0.77 -10.88 -21.86
CA PRO A 184 2.04 -11.50 -22.23
C PRO A 184 2.83 -12.12 -21.06
N SER A 185 3.71 -13.09 -21.39
CA SER A 185 4.79 -13.53 -20.48
C SER A 185 6.19 -13.02 -20.97
N ASN B 29 25.22 21.93 3.61
CA ASN B 29 25.62 22.18 2.20
C ASN B 29 27.04 21.65 1.87
N THR B 30 27.07 20.38 1.46
CA THR B 30 28.23 19.69 0.95
C THR B 30 27.86 19.16 -0.45
N SER B 31 28.83 18.86 -1.32
CA SER B 31 28.53 18.38 -2.69
C SER B 31 27.90 16.97 -2.70
N GLU B 32 28.16 16.19 -1.64
CA GLU B 32 27.48 14.90 -1.44
C GLU B 32 25.95 15.11 -1.22
N ASN B 33 25.58 16.12 -0.43
CA ASN B 33 24.13 16.38 -0.17
C ASN B 33 23.48 17.05 -1.39
N ARG B 34 24.26 17.84 -2.14
CA ARG B 34 23.83 18.33 -3.47
C ARG B 34 23.61 17.23 -4.55
N ALA B 35 24.47 16.22 -4.61
CA ALA B 35 24.25 15.10 -5.52
C ALA B 35 22.91 14.44 -5.21
N GLN B 36 22.67 14.21 -3.92
CA GLN B 36 21.47 13.53 -3.46
C GLN B 36 20.21 14.30 -3.78
N VAL B 37 20.19 15.56 -3.36
CA VAL B 37 19.14 16.48 -3.76
C VAL B 37 18.92 16.47 -5.28
N ALA B 38 19.98 16.66 -6.09
CA ALA B 38 19.83 16.58 -7.57
C ALA B 38 19.21 15.24 -8.02
N ALA B 39 19.68 14.13 -7.43
CA ALA B 39 19.13 12.78 -7.75
C ALA B 39 17.66 12.72 -7.45
N ARG B 40 17.27 13.18 -6.26
CA ARG B 40 15.88 13.16 -5.82
C ARG B 40 14.98 13.99 -6.73
N GLN B 41 15.47 15.14 -7.12
CA GLN B 41 14.74 16.06 -7.96
C GLN B 41 14.50 15.47 -9.37
N HIS B 42 15.53 14.88 -9.98
CA HIS B 42 15.37 14.21 -11.30
C HIS B 42 14.42 13.00 -11.17
N ASN B 43 14.63 12.16 -10.15
CA ASN B 43 13.76 11.01 -9.92
C ASN B 43 12.29 11.44 -9.76
N ARG B 44 12.04 12.46 -8.96
CA ARG B 44 10.69 12.94 -8.80
C ARG B 44 10.01 13.37 -10.09
N LYS B 45 10.76 14.08 -10.94
CA LYS B 45 10.26 14.44 -12.24
C LYS B 45 9.85 13.20 -13.05
N ILE B 46 10.60 12.12 -12.96
CA ILE B 46 10.26 10.92 -13.71
C ILE B 46 8.99 10.28 -13.10
N VAL B 47 8.87 10.25 -11.76
CA VAL B 47 7.62 9.79 -11.14
C VAL B 47 6.43 10.61 -11.63
N GLU B 48 6.56 11.92 -11.67
CA GLU B 48 5.46 12.76 -12.14
C GLU B 48 5.11 12.45 -13.59
N GLN B 49 6.12 12.32 -14.42
CA GLN B 49 5.90 11.96 -15.82
C GLN B 49 5.17 10.62 -15.94
N TYR B 50 5.64 9.62 -15.18
CA TYR B 50 5.00 8.31 -15.15
C TYR B 50 3.52 8.42 -14.83
N MET B 51 3.22 9.10 -13.75
CA MET B 51 1.88 9.19 -13.28
C MET B 51 0.97 10.01 -14.18
N HIS B 52 1.52 10.85 -15.04
CA HIS B 52 0.70 11.64 -15.94
C HIS B 52 0.67 11.09 -17.35
N THR B 53 1.31 9.95 -17.57
CA THR B 53 1.32 9.33 -18.92
C THR B 53 -0.06 8.72 -19.24
N ARG B 54 -0.68 9.17 -20.32
CA ARG B 54 -1.97 8.68 -20.73
C ARG B 54 -2.02 8.47 -22.26
N GLY B 55 -3.11 7.83 -22.69
CA GLY B 55 -3.28 7.44 -24.12
C GLY B 55 -2.07 6.78 -24.76
N GLU B 56 -1.76 7.21 -25.97
CA GLU B 56 -0.76 6.53 -26.80
C GLU B 56 0.64 6.70 -26.26
N ALA B 57 0.85 7.75 -25.46
CA ALA B 57 2.13 7.89 -24.74
C ALA B 57 2.41 6.73 -23.82
N ARG B 58 1.38 6.00 -23.39
CA ARG B 58 1.62 4.81 -22.58
C ARG B 58 2.50 3.75 -23.30
N LEU B 59 2.49 3.76 -24.64
CA LEU B 59 3.30 2.82 -25.41
C LEU B 59 4.78 3.14 -25.28
N LYS B 60 5.12 4.34 -24.80
CA LYS B 60 6.58 4.69 -24.61
C LYS B 60 7.03 4.85 -23.14
N ARG B 61 6.13 4.57 -22.23
CA ARG B 61 6.43 4.76 -20.82
C ARG B 61 7.51 3.80 -20.37
N HIS B 62 7.67 2.65 -21.05
CA HIS B 62 8.81 1.74 -20.79
C HIS B 62 10.22 2.34 -20.89
N LEU B 63 10.34 3.40 -21.67
CA LEU B 63 11.61 4.09 -21.84
C LEU B 63 12.09 4.82 -20.57
N LEU B 64 11.22 4.91 -19.57
CA LEU B 64 11.60 5.47 -18.29
C LEU B 64 12.34 4.48 -17.36
N PHE B 65 12.45 3.25 -17.80
CA PHE B 65 12.99 2.15 -17.01
C PHE B 65 14.41 1.80 -17.43
N THR B 66 15.15 1.17 -16.52
CA THR B 66 16.45 0.63 -16.84
C THR B 66 16.17 -0.56 -17.76
N GLU B 67 17.21 -1.02 -18.42
CA GLU B 67 17.06 -2.13 -19.39
C GLU B 67 16.50 -3.39 -18.76
N ASP B 68 16.92 -3.67 -17.52
CA ASP B 68 16.44 -4.80 -16.75
C ASP B 68 15.31 -4.42 -15.77
N GLY B 69 14.70 -3.24 -15.98
CA GLY B 69 13.72 -2.74 -15.01
C GLY B 69 12.51 -3.62 -14.92
N VAL B 70 11.88 -3.67 -13.75
CA VAL B 70 10.68 -4.44 -13.50
C VAL B 70 9.48 -3.56 -13.14
N GLY B 71 8.30 -3.92 -13.62
CA GLY B 71 7.09 -3.22 -13.22
C GLY B 71 6.00 -4.24 -13.00
N GLY B 72 4.84 -3.82 -12.57
CA GLY B 72 3.70 -4.72 -12.51
C GLY B 72 2.84 -4.62 -11.25
N LEU B 73 2.07 -5.67 -10.99
CA LEU B 73 0.99 -5.65 -10.03
C LEU B 73 1.34 -6.60 -8.91
N TRP B 74 1.40 -6.04 -7.72
CA TRP B 74 1.86 -6.83 -6.57
C TRP B 74 0.72 -7.39 -5.78
N THR B 75 -0.51 -6.96 -6.01
CA THR B 75 -1.61 -7.45 -5.21
C THR B 75 -2.60 -8.10 -6.21
N THR B 76 -2.63 -9.41 -6.28
CA THR B 76 -3.49 -10.09 -7.24
C THR B 76 -4.28 -11.13 -6.48
N ASP B 77 -5.27 -11.75 -7.15
CA ASP B 77 -6.07 -12.77 -6.43
C ASP B 77 -5.25 -13.99 -6.00
N SER B 78 -4.16 -14.28 -6.72
CA SER B 78 -3.34 -15.43 -6.50
C SER B 78 -2.45 -15.25 -5.29
N GLY B 79 -2.28 -14.03 -4.83
CA GLY B 79 -1.30 -13.78 -3.80
C GLY B 79 0.14 -13.72 -4.30
N GLN B 80 0.40 -13.91 -5.58
CA GLN B 80 1.74 -13.68 -6.10
C GLN B 80 1.70 -12.45 -7.04
N PRO B 81 2.78 -11.69 -7.07
CA PRO B 81 2.88 -10.54 -8.00
C PRO B 81 2.83 -10.97 -9.45
N ILE B 82 2.33 -10.16 -10.35
CA ILE B 82 2.66 -10.37 -11.79
C ILE B 82 3.75 -9.36 -12.11
N ALA B 83 4.97 -9.84 -12.26
CA ALA B 83 6.17 -8.99 -12.50
C ALA B 83 6.46 -9.00 -13.98
N ILE B 84 6.63 -7.82 -14.55
CA ILE B 84 6.97 -7.70 -16.01
C ILE B 84 8.44 -7.31 -16.02
N ARG B 85 9.28 -8.19 -16.56
CA ARG B 85 10.74 -8.05 -16.39
C ARG B 85 11.47 -7.65 -17.64
N GLY B 86 12.03 -6.46 -17.65
CA GLY B 86 12.77 -5.95 -18.75
C GLY B 86 12.06 -4.79 -19.43
N ARG B 87 12.85 -3.79 -19.83
CA ARG B 87 12.36 -2.63 -20.52
C ARG B 87 11.60 -3.07 -21.76
N GLU B 88 12.14 -3.97 -22.58
CA GLU B 88 11.37 -4.40 -23.77
C GLU B 88 10.05 -5.16 -23.45
N LYS B 89 10.06 -5.98 -22.40
CA LYS B 89 8.85 -6.73 -21.97
C LYS B 89 7.82 -5.75 -21.49
N LEU B 90 8.28 -4.69 -20.86
CA LEU B 90 7.38 -3.65 -20.37
C LEU B 90 6.69 -2.94 -21.53
N GLY B 91 7.41 -2.64 -22.60
CA GLY B 91 6.81 -1.97 -23.84
C GLY B 91 5.78 -2.91 -24.50
N GLU B 92 6.11 -4.21 -24.57
CA GLU B 92 5.13 -5.21 -25.04
C GLU B 92 3.86 -5.25 -24.18
N HIS B 93 4.06 -5.24 -22.85
CA HIS B 93 2.95 -5.26 -21.93
C HIS B 93 2.03 -4.04 -22.07
N ALA B 94 2.63 -2.88 -22.35
CA ALA B 94 1.86 -1.66 -22.52
C ALA B 94 0.80 -1.79 -23.66
N VAL B 95 1.06 -2.58 -24.69
CA VAL B 95 0.02 -2.79 -25.75
C VAL B 95 -1.19 -3.49 -25.16
N TRP B 96 -0.97 -4.53 -24.33
CA TRP B 96 -2.06 -5.24 -23.61
C TRP B 96 -2.82 -4.29 -22.66
N SER B 97 -2.07 -3.54 -21.85
CA SER B 97 -2.68 -2.58 -20.90
C SER B 97 -3.58 -1.52 -21.60
N LEU B 98 -3.13 -1.02 -22.75
CA LEU B 98 -3.83 0.05 -23.44
C LEU B 98 -5.13 -0.47 -24.09
N GLN B 99 -5.04 -1.71 -24.55
CA GLN B 99 -6.20 -2.46 -25.01
C GLN B 99 -7.22 -2.69 -23.89
N CYS B 100 -6.75 -3.13 -22.70
CA CYS B 100 -7.66 -3.51 -21.64
C CYS B 100 -8.15 -2.35 -20.83
N PHE B 101 -7.33 -1.28 -20.81
CA PHE B 101 -7.69 -0.08 -20.08
C PHE B 101 -7.56 1.17 -20.98
N PRO B 102 -8.55 1.39 -21.84
CA PRO B 102 -8.32 2.28 -22.99
C PRO B 102 -8.31 3.76 -22.70
N ASP B 103 -8.87 4.14 -21.57
CA ASP B 103 -9.01 5.52 -21.20
C ASP B 103 -8.55 5.79 -19.75
N TRP B 104 -7.66 4.94 -19.24
CA TRP B 104 -7.25 5.00 -17.81
C TRP B 104 -6.62 6.32 -17.47
N VAL B 105 -6.99 6.87 -16.33
CA VAL B 105 -6.42 8.08 -15.79
C VAL B 105 -6.14 7.86 -14.29
N TRP B 106 -4.95 8.27 -13.87
CA TRP B 106 -4.67 8.38 -12.41
C TRP B 106 -5.07 9.74 -11.90
N THR B 107 -5.66 9.84 -10.69
CA THR B 107 -6.13 11.07 -10.13
C THR B 107 -5.71 11.12 -8.61
N ASP B 108 -5.81 12.33 -8.04
CA ASP B 108 -5.51 12.51 -6.60
CA ASP B 108 -5.49 12.61 -6.63
C ASP B 108 -4.12 12.03 -6.30
N ILE B 109 -3.13 12.42 -7.10
CA ILE B 109 -1.80 11.83 -7.06
C ILE B 109 -1.05 12.52 -5.94
N GLN B 110 -0.43 11.77 -5.04
CA GLN B 110 0.39 12.38 -3.98
C GLN B 110 1.69 11.68 -4.01
N ILE B 111 2.74 12.43 -4.26
CA ILE B 111 4.07 11.84 -4.34
C ILE B 111 4.84 12.05 -3.04
N PHE B 112 5.37 10.96 -2.52
CA PHE B 112 6.17 10.90 -1.29
C PHE B 112 7.60 10.57 -1.67
N GLU B 113 8.51 11.51 -1.35
CA GLU B 113 9.94 11.36 -1.42
C GLU B 113 10.24 10.61 -0.19
N THR B 114 11.36 9.87 -0.12
CA THR B 114 11.76 9.25 1.15
C THR B 114 13.21 9.66 1.51
N GLN B 115 13.70 9.14 2.64
CA GLN B 115 15.11 9.30 3.03
C GLN B 115 16.05 8.76 1.97
N ASP B 116 15.56 7.85 1.12
CA ASP B 116 16.35 7.29 0.02
C ASP B 116 16.02 8.06 -1.27
N PRO B 117 17.00 8.80 -1.81
CA PRO B 117 16.76 9.57 -3.03
C PRO B 117 16.28 8.78 -4.23
N ASN B 118 16.50 7.48 -4.19
CA ASN B 118 16.12 6.58 -5.26
C ASN B 118 14.83 5.76 -4.95
N TRP B 119 14.02 6.19 -4.00
CA TRP B 119 12.82 5.41 -3.62
C TRP B 119 11.72 6.38 -3.27
N PHE B 120 10.60 6.28 -4.01
CA PHE B 120 9.44 7.10 -3.85
C PHE B 120 8.18 6.25 -3.64
N TRP B 121 7.15 6.78 -2.99
CA TRP B 121 5.84 6.07 -2.94
C TRP B 121 4.85 7.06 -3.48
N VAL B 122 3.81 6.55 -4.12
CA VAL B 122 2.74 7.42 -4.62
C VAL B 122 1.43 6.84 -4.09
N GLU B 123 0.54 7.68 -3.62
CA GLU B 123 -0.80 7.28 -3.23
C GLU B 123 -1.72 8.02 -4.24
N CYS B 124 -2.63 7.31 -4.89
CA CYS B 124 -3.52 7.97 -5.83
C CYS B 124 -4.82 7.13 -5.96
N ARG B 125 -5.71 7.60 -6.78
CA ARG B 125 -6.84 6.84 -7.22
C ARG B 125 -6.62 6.62 -8.74
N GLY B 126 -7.54 5.86 -9.34
CA GLY B 126 -7.59 5.73 -10.80
C GLY B 126 -8.93 5.26 -11.21
N GLU B 127 -9.29 5.54 -12.46
CA GLU B 127 -10.63 5.14 -12.94
C GLU B 127 -10.54 4.96 -14.45
N GLY B 128 -11.36 4.05 -14.95
CA GLY B 128 -11.43 3.93 -16.43
C GLY B 128 -12.14 2.65 -16.78
N ALA B 129 -12.41 2.49 -18.07
CA ALA B 129 -13.04 1.25 -18.52
C ALA B 129 -12.10 0.09 -18.34
N ILE B 130 -12.67 -1.07 -17.99
CA ILE B 130 -11.99 -2.33 -17.98
C ILE B 130 -12.62 -3.27 -19.05
N VAL B 131 -11.78 -3.81 -19.92
CA VAL B 131 -12.17 -4.59 -21.11
C VAL B 131 -11.34 -5.83 -21.13
N PHE B 132 -11.82 -6.85 -20.40
CA PHE B 132 -11.07 -8.07 -20.24
C PHE B 132 -11.85 -9.05 -21.01
N PRO B 133 -11.16 -9.84 -21.84
CA PRO B 133 -11.93 -10.91 -22.51
C PRO B 133 -12.47 -11.96 -21.54
N GLY B 134 -13.73 -12.28 -21.74
CA GLY B 134 -14.38 -13.36 -21.01
C GLY B 134 -15.15 -12.71 -19.90
N TYR B 135 -15.15 -11.38 -19.85
CA TYR B 135 -16.03 -10.66 -18.92
C TYR B 135 -16.68 -9.58 -19.72
N PRO B 136 -17.84 -9.08 -19.25
CA PRO B 136 -18.38 -7.83 -19.78
C PRO B 136 -17.42 -6.69 -19.63
N ARG B 137 -17.59 -5.71 -20.49
CA ARG B 137 -17.02 -4.37 -20.27
C ARG B 137 -17.49 -3.72 -18.96
N GLY B 138 -16.59 -3.16 -18.16
CA GLY B 138 -17.04 -2.47 -16.96
C GLY B 138 -16.34 -1.14 -16.70
N GLN B 139 -16.63 -0.55 -15.53
CA GLN B 139 -15.99 0.65 -15.10
C GLN B 139 -15.21 0.30 -13.80
N TYR B 140 -13.89 0.49 -13.82
CA TYR B 140 -12.98 0.12 -12.76
C TYR B 140 -12.50 1.38 -12.09
N ARG B 141 -12.70 1.44 -10.77
CA ARG B 141 -12.13 2.46 -9.89
C ARG B 141 -11.41 1.77 -8.71
N ASN B 142 -10.35 2.36 -8.23
CA ASN B 142 -9.59 1.78 -7.14
C ASN B 142 -8.72 2.87 -6.49
N HIS B 143 -8.23 2.54 -5.32
CA HIS B 143 -7.25 3.31 -4.62
C HIS B 143 -5.96 2.61 -4.81
N PHE B 144 -4.85 3.32 -5.06
CA PHE B 144 -3.61 2.62 -5.37
C PHE B 144 -2.43 3.20 -4.53
N LEU B 145 -1.48 2.34 -4.21
CA LEU B 145 -0.13 2.79 -3.78
C LEU B 145 0.87 2.26 -4.83
N HIS B 146 1.81 3.10 -5.26
CA HIS B 146 2.84 2.63 -6.15
C HIS B 146 4.19 2.82 -5.46
N SER B 147 5.09 1.91 -5.66
CA SER B 147 6.48 2.04 -5.23
C SER B 147 7.34 2.24 -6.45
N PHE B 148 8.25 3.20 -6.38
CA PHE B 148 9.19 3.45 -7.48
C PHE B 148 10.62 3.49 -6.90
N ARG B 149 11.46 2.55 -7.36
CA ARG B 149 12.85 2.55 -7.06
C ARG B 149 13.63 2.83 -8.34
N PHE B 150 14.67 3.62 -8.16
CA PHE B 150 15.54 4.10 -9.24
C PHE B 150 16.98 3.61 -9.19
N GLU B 151 17.60 3.64 -10.35
CA GLU B 151 19.02 3.36 -10.51
C GLU B 151 19.41 4.17 -11.76
N ASN B 152 20.38 5.06 -11.55
CA ASN B 152 20.99 5.88 -12.61
C ASN B 152 19.92 6.74 -13.25
N GLY B 153 19.00 7.24 -12.43
CA GLY B 153 18.00 8.16 -12.91
C GLY B 153 16.88 7.49 -13.71
N LEU B 154 16.87 6.17 -13.81
CA LEU B 154 15.80 5.42 -14.47
C LEU B 154 15.12 4.45 -13.51
N ILE B 155 13.88 4.07 -13.82
CA ILE B 155 13.11 3.26 -12.88
C ILE B 155 13.64 1.83 -12.92
N LYS B 156 14.05 1.29 -11.77
CA LYS B 156 14.57 -0.08 -11.69
C LYS B 156 13.44 -1.06 -11.28
N GLU B 157 12.49 -0.57 -10.51
CA GLU B 157 11.35 -1.38 -10.05
C GLU B 157 10.16 -0.47 -9.78
N GLN B 158 9.06 -0.75 -10.46
CA GLN B 158 7.74 -0.20 -10.13
C GLN B 158 6.82 -1.30 -9.66
N ARG B 159 6.09 -1.06 -8.58
CA ARG B 159 5.09 -2.01 -8.01
C ARG B 159 3.83 -1.32 -7.67
N GLU B 160 2.70 -1.87 -8.13
CA GLU B 160 1.42 -1.39 -7.78
C GLU B 160 0.74 -2.25 -6.73
N PHE B 161 0.15 -1.59 -5.77
CA PHE B 161 -0.62 -2.18 -4.69
C PHE B 161 -2.03 -1.60 -4.68
N MET B 162 -3.01 -2.48 -4.77
CA MET B 162 -4.40 -2.07 -4.72
C MET B 162 -5.28 -3.16 -4.04
N ASN B 163 -6.60 -2.95 -3.98
CA ASN B 163 -7.52 -3.90 -3.33
C ASN B 163 -8.16 -4.67 -4.49
N PRO B 164 -7.72 -5.90 -4.73
CA PRO B 164 -8.26 -6.66 -5.90
C PRO B 164 -9.81 -6.82 -5.86
N CYS B 165 -10.42 -6.74 -4.68
CA CYS B 165 -11.82 -6.84 -4.58
C CYS B 165 -12.54 -5.80 -5.48
N GLU B 166 -11.97 -4.61 -5.63
CA GLU B 166 -12.65 -3.56 -6.44
C GLU B 166 -12.57 -3.89 -7.87
N GLN B 167 -11.51 -4.62 -8.24
CA GLN B 167 -11.39 -5.07 -9.61
C GLN B 167 -12.40 -6.22 -9.87
N PHE B 168 -12.59 -7.13 -8.91
CA PHE B 168 -13.66 -8.12 -9.00
C PHE B 168 -15.01 -7.42 -9.26
N ARG B 169 -15.40 -6.42 -8.46
CA ARG B 169 -16.64 -5.72 -8.73
C ARG B 169 -16.69 -5.17 -10.15
N SER B 170 -15.61 -4.60 -10.67
CA SER B 170 -15.65 -4.01 -12.01
C SER B 170 -15.93 -5.11 -13.10
N LEU B 171 -15.57 -6.34 -12.80
CA LEU B 171 -15.65 -7.48 -13.73
C LEU B 171 -16.91 -8.35 -13.57
N GLY B 172 -17.78 -7.91 -12.67
CA GLY B 172 -18.92 -8.67 -12.25
C GLY B 172 -18.65 -9.97 -11.49
N ILE B 173 -17.47 -10.10 -10.91
CA ILE B 173 -17.13 -11.25 -10.11
C ILE B 173 -17.63 -11.02 -8.66
N GLU B 174 -18.39 -12.00 -8.12
CA GLU B 174 -18.94 -11.91 -6.74
C GLU B 174 -17.75 -11.79 -5.78
N VAL B 175 -17.85 -10.89 -4.82
CA VAL B 175 -16.76 -10.66 -3.85
C VAL B 175 -17.08 -11.44 -2.59
N PRO B 176 -16.17 -12.33 -2.17
CA PRO B 176 -16.41 -13.00 -0.89
C PRO B 176 -16.57 -11.97 0.24
N GLU B 177 -17.33 -12.29 1.27
CA GLU B 177 -17.40 -11.43 2.47
C GLU B 177 -16.84 -12.09 3.74
N VAL B 178 -16.00 -11.38 4.47
CA VAL B 178 -15.47 -11.88 5.72
C VAL B 178 -16.41 -11.32 6.79
N ARG B 179 -16.94 -12.18 7.63
CA ARG B 179 -17.73 -11.71 8.79
CA ARG B 179 -17.73 -11.73 8.78
C ARG B 179 -16.80 -11.48 9.96
N ARG B 180 -16.91 -10.31 10.58
CA ARG B 180 -16.03 -9.97 11.69
C ARG B 180 -16.86 -9.91 12.98
N ASP B 181 -17.48 -11.04 13.33
CA ASP B 181 -18.26 -11.13 14.54
C ASP B 181 -17.45 -10.64 15.73
N GLY B 182 -18.09 -9.78 16.51
CA GLY B 182 -17.51 -9.27 17.71
C GLY B 182 -16.73 -8.02 17.49
N LEU B 183 -16.52 -7.61 16.22
CA LEU B 183 -15.71 -6.42 15.97
C LEU B 183 -16.42 -5.24 16.61
N PRO B 184 -15.73 -4.58 17.57
CA PRO B 184 -16.33 -3.49 18.30
C PRO B 184 -16.79 -2.38 17.41
N SER B 185 -17.87 -1.79 17.86
CA SER B 185 -18.88 -1.21 16.99
C SER B 185 -18.46 0.18 16.56
OAA AKD C . -9.22 -8.12 9.65
OAB AKD C . -7.06 -8.02 9.80
BRAC AKD C . -10.68 -3.13 11.50
CAD AKD C . -8.28 -4.12 12.65
CAE AKD C . -7.26 -5.05 12.78
CAF AKD C . -9.23 -5.49 10.91
CAG AKD C . -3.78 -8.56 11.56
CAH AKD C . -3.12 -7.54 10.61
CAI AKD C . -4.12 -7.96 12.85
CAJ AKD C . -4.27 -5.67 11.86
NAK AKD C . -3.92 -6.32 10.59
NAL AKD C . -6.22 -7.03 12.15
CAM AKD C . -8.17 -7.64 10.07
CAN AKD C . -9.25 -4.35 11.71
CAO AKD C . -7.22 -6.16 11.95
CAP AKD C . -8.20 -6.41 11.01
CAQ AKD C . -4.95 -6.68 12.79
OAA AKD D . -5.02 -6.19 -13.79
OAB AKD D . -5.13 -4.01 -13.41
BRAC AKD D . 0.13 -7.28 -14.61
CAD AKD D . -0.60 -4.57 -15.30
CAE AKD D . -1.52 -3.53 -15.42
CAF AKD D . -2.32 -5.89 -14.30
CAG AKD D . -5.30 -0.26 -14.16
CAH AKD D . -4.39 0.17 -13.05
CAI AKD D . -4.51 -0.31 -15.43
CAJ AKD D . -2.42 -0.82 -14.18
NAK AKD D . -3.23 -0.72 -12.97
NAL AKD D . -3.75 -2.63 -15.04
CAM AKD D . -4.59 -5.05 -13.81
CAN AKD D . -1.01 -5.75 -14.78
CAO AKD D . -2.84 -3.65 -14.94
CAP AKD D . -3.21 -4.85 -14.40
CAQ AKD D . -3.34 -1.26 -15.35
#